data_8ROF
#
_entry.id   8ROF
#
_cell.length_a   66.453
_cell.length_b   113.906
_cell.length_c   133.844
_cell.angle_alpha   90.000
_cell.angle_beta   90.000
_cell.angle_gamma   90.000
#
_symmetry.space_group_name_H-M   'I 2 2 2'
#
loop_
_entity.id
_entity.type
_entity.pdbx_description
1 polymer 'Structural maintenance of chromosomes protein 1A'
2 polymer '64-kDa C-terminal product'
3 non-polymer 'MAGNESIUM ION'
4 non-polymer "ADENOSINE-5'-DIPHOSPHATE"
5 water water
#
loop_
_entity_poly.entity_id
_entity_poly.type
_entity_poly.pdbx_seq_one_letter_code
_entity_poly.pdbx_strand_id
1 'polypeptide(L)'
;MGFLKLIEIENFKSYKGRQIIGPFQRFTAIIGPNGSGKSNLMDAISFVLGEKTSNLRVKTLRDLIHGAPVGKPAANRAFV
SMVYSEEGAEDRTFARVIVGGSSEYKINNKVVQLHEYSEELEKLGILIKARNFLVFQGAVESIAMKNPKERTALFEEISR
SGELAQEYDKRKKEMGSGSLVPRGSGSAKQAFEQIKKERFDRFNACFESVATNIDEIYKALSRNSSAQAFLGPENPEEPY
LDGINYNCVAPGKRFRPMDNLSGGEKTVAALALLFAIHSYKPAPFFVLDQIDAALDNTNIGKVANYIKEQSTCNFQAIVI
SLKEEFYTKAESLIGVYPEQGDCVISKVLTFDLTKYPDANPNPNEQ
;
A
2 'polypeptide(L)'
;MKRTQQMLHGLQRALAKTGAESISLLELCRNTNRKQAAAKFYSFLVLKKQQAIELTQEEPYSDIIATPGPRFHGSLEVLF
Q
;
B
#
loop_
_chem_comp.id
_chem_comp.type
_chem_comp.name
_chem_comp.formula
ADP non-polymer ADENOSINE-5'-DIPHOSPHATE 'C10 H15 N5 O10 P2'
MG non-polymer 'MAGNESIUM ION' 'Mg 2'
#
# COMPACT_ATOMS: atom_id res chain seq x y z
N GLY A 2 0.40 -10.01 12.67
CA GLY A 2 1.51 -10.60 11.95
C GLY A 2 2.09 -9.66 10.91
N PHE A 3 2.69 -10.22 9.86
CA PHE A 3 3.24 -9.38 8.82
C PHE A 3 3.33 -10.17 7.52
N LEU A 4 3.51 -9.41 6.45
CA LEU A 4 3.61 -9.96 5.10
C LEU A 4 5.07 -10.34 4.89
N LYS A 5 5.37 -11.65 4.90
CA LYS A 5 6.75 -12.09 4.75
C LYS A 5 7.23 -11.92 3.32
N LEU A 6 6.42 -12.29 2.36
CA LEU A 6 6.84 -12.18 0.96
C LEU A 6 5.62 -12.37 0.09
N ILE A 7 5.74 -11.95 -1.16
CA ILE A 7 4.75 -12.19 -2.21
CA ILE A 7 4.74 -12.21 -2.19
C ILE A 7 5.37 -13.10 -3.26
N GLU A 8 4.63 -14.10 -3.69
CA GLU A 8 5.05 -14.95 -4.81
C GLU A 8 4.10 -14.70 -5.96
N ILE A 9 4.66 -14.41 -7.12
CA ILE A 9 3.90 -14.03 -8.30
CA ILE A 9 3.90 -14.02 -8.32
C ILE A 9 4.28 -14.96 -9.45
N GLU A 10 3.28 -15.38 -10.24
CA GLU A 10 3.56 -16.21 -11.40
C GLU A 10 2.75 -15.73 -12.59
N ASN A 11 3.44 -15.20 -13.61
CA ASN A 11 2.84 -14.80 -14.89
C ASN A 11 1.69 -13.81 -14.72
N PHE A 12 1.86 -12.85 -13.82
CA PHE A 12 0.84 -11.84 -13.56
C PHE A 12 1.32 -10.52 -14.15
N LYS A 13 0.55 -10.00 -15.12
CA LYS A 13 0.88 -8.80 -15.90
C LYS A 13 2.33 -8.94 -16.36
N SER A 14 3.19 -7.96 -16.13
CA SER A 14 4.57 -8.01 -16.63
C SER A 14 5.46 -8.97 -15.86
N TYR A 15 4.99 -9.56 -14.76
CA TYR A 15 5.83 -10.45 -13.96
C TYR A 15 5.76 -11.85 -14.55
N LYS A 16 6.54 -12.04 -15.61
CA LYS A 16 6.61 -13.32 -16.31
C LYS A 16 7.34 -14.34 -15.45
N GLY A 17 6.90 -15.60 -15.52
CA GLY A 17 7.52 -16.66 -14.73
C GLY A 17 7.12 -16.54 -13.26
N ARG A 18 7.76 -17.36 -12.44
CA ARG A 18 7.47 -17.37 -11.00
C ARG A 18 8.56 -16.61 -10.28
N GLN A 19 8.18 -15.60 -9.49
CA GLN A 19 9.13 -14.70 -8.86
CA GLN A 19 9.15 -14.72 -8.85
C GLN A 19 8.79 -14.50 -7.39
N ILE A 20 9.81 -14.44 -6.55
CA ILE A 20 9.61 -14.06 -5.15
C ILE A 20 9.83 -12.56 -5.04
N ILE A 21 8.87 -11.88 -4.42
CA ILE A 21 8.94 -10.45 -4.14
C ILE A 21 9.25 -10.31 -2.65
N GLY A 22 10.43 -9.80 -2.32
CA GLY A 22 10.87 -9.79 -0.94
C GLY A 22 11.93 -10.84 -0.69
N PRO A 23 12.05 -11.34 0.55
CA PRO A 23 11.22 -11.04 1.72
C PRO A 23 11.27 -9.58 2.16
N PHE A 24 10.17 -9.13 2.76
CA PHE A 24 10.04 -7.76 3.22
C PHE A 24 10.69 -7.60 4.59
N GLN A 25 11.26 -6.42 4.83
CA GLN A 25 11.58 -5.97 6.17
C GLN A 25 10.40 -5.19 6.72
N ARG A 26 10.55 -4.67 7.94
CA ARG A 26 9.42 -3.94 8.53
CA ARG A 26 9.42 -3.95 8.53
C ARG A 26 9.09 -2.69 7.73
N PHE A 27 10.09 -2.07 7.09
CA PHE A 27 9.91 -0.89 6.26
C PHE A 27 10.69 -1.16 4.98
N THR A 28 9.97 -1.42 3.89
CA THR A 28 10.57 -1.77 2.60
C THR A 28 10.05 -0.80 1.56
N ALA A 29 10.94 -0.35 0.67
CA ALA A 29 10.55 0.52 -0.43
C ALA A 29 10.76 -0.18 -1.75
N ILE A 30 9.77 -0.06 -2.63
CA ILE A 30 9.82 -0.56 -3.99
C ILE A 30 10.16 0.61 -4.90
N ILE A 31 11.21 0.45 -5.73
CA ILE A 31 11.70 1.55 -6.56
C ILE A 31 12.04 1.02 -7.94
N GLY A 32 12.16 1.93 -8.90
CA GLY A 32 12.61 1.54 -10.21
C GLY A 32 12.27 2.58 -11.24
N PRO A 33 12.98 2.54 -12.36
CA PRO A 33 12.74 3.53 -13.42
C PRO A 33 11.34 3.41 -13.97
N ASN A 34 10.91 4.47 -14.65
CA ASN A 34 9.57 4.50 -15.24
C ASN A 34 9.42 3.36 -16.25
N GLY A 35 8.25 2.71 -16.21
CA GLY A 35 7.95 1.59 -17.08
C GLY A 35 8.46 0.24 -16.63
N SER A 36 9.01 0.13 -15.41
CA SER A 36 9.62 -1.14 -15.00
CA SER A 36 9.63 -1.14 -15.01
C SER A 36 8.61 -2.16 -14.51
N GLY A 37 7.49 -1.72 -13.95
CA GLY A 37 6.50 -2.65 -13.43
C GLY A 37 6.07 -2.37 -11.99
N LYS A 38 6.35 -1.17 -11.47
CA LYS A 38 5.97 -0.86 -10.10
C LYS A 38 4.45 -0.87 -9.93
N SER A 39 3.73 -0.20 -10.85
CA SER A 39 2.27 -0.19 -10.76
CA SER A 39 2.27 -0.19 -10.73
C SER A 39 1.69 -1.59 -10.94
N ASN A 40 2.31 -2.43 -11.77
CA ASN A 40 1.82 -3.79 -11.90
C ASN A 40 1.98 -4.55 -10.59
N LEU A 41 3.03 -4.24 -9.83
CA LEU A 41 3.22 -4.90 -8.54
C LEU A 41 2.17 -4.44 -7.53
N MET A 42 1.80 -3.16 -7.60
CA MET A 42 0.69 -2.68 -6.80
C MET A 42 -0.59 -3.44 -7.14
N ASP A 43 -0.83 -3.68 -8.43
CA ASP A 43 -2.02 -4.42 -8.84
C ASP A 43 -1.99 -5.87 -8.34
N ALA A 44 -0.79 -6.48 -8.30
CA ALA A 44 -0.70 -7.85 -7.81
C ALA A 44 -1.07 -7.92 -6.35
N ILE A 45 -0.66 -6.93 -5.56
CA ILE A 45 -1.03 -6.88 -4.15
C ILE A 45 -2.54 -6.70 -4.01
N SER A 46 -3.10 -5.75 -4.76
CA SER A 46 -4.55 -5.57 -4.73
C SER A 46 -5.26 -6.86 -5.11
N PHE A 47 -4.74 -7.57 -6.11
CA PHE A 47 -5.38 -8.77 -6.65
C PHE A 47 -5.44 -9.89 -5.61
N VAL A 48 -4.32 -10.16 -4.93
CA VAL A 48 -4.34 -11.25 -3.97
C VAL A 48 -5.19 -10.90 -2.75
N LEU A 49 -5.37 -9.61 -2.49
CA LEU A 49 -6.21 -9.14 -1.40
C LEU A 49 -7.64 -8.85 -1.84
N GLY A 50 -8.08 -9.43 -2.96
CA GLY A 50 -9.47 -9.49 -3.31
C GLY A 50 -10.00 -8.39 -4.21
N GLU A 51 -9.13 -7.54 -4.76
CA GLU A 51 -9.61 -6.45 -5.61
C GLU A 51 -10.42 -6.99 -6.79
N LYS A 52 -11.47 -6.26 -7.16
CA LYS A 52 -12.25 -6.60 -8.32
C LYS A 52 -11.44 -6.41 -9.60
N THR A 53 -11.64 -7.32 -10.56
CA THR A 53 -10.90 -7.28 -11.81
C THR A 53 -11.01 -5.93 -12.51
N SER A 54 -12.18 -5.31 -12.45
CA SER A 54 -12.39 -4.05 -13.14
C SER A 54 -11.56 -2.90 -12.57
N ASN A 55 -10.99 -3.04 -11.38
CA ASN A 55 -10.10 -2.04 -10.80
C ASN A 55 -8.63 -2.34 -11.06
N LEU A 56 -8.32 -3.33 -11.89
CA LEU A 56 -6.95 -3.74 -12.16
C LEU A 56 -6.52 -3.44 -13.60
N ARG A 57 -7.21 -2.52 -14.27
CA ARG A 57 -6.77 -1.97 -15.55
C ARG A 57 -6.82 -3.02 -16.68
N VAL A 58 -7.82 -3.90 -16.64
CA VAL A 58 -8.01 -4.90 -17.68
C VAL A 58 -9.50 -5.02 -17.98
N LYS A 59 -9.81 -5.49 -19.19
CA LYS A 59 -11.21 -5.72 -19.56
C LYS A 59 -11.68 -7.13 -19.23
N THR A 60 -10.77 -8.06 -18.97
CA THR A 60 -11.16 -9.41 -18.58
C THR A 60 -10.09 -10.02 -17.69
N LEU A 61 -10.52 -10.95 -16.83
CA LEU A 61 -9.59 -11.55 -15.87
C LEU A 61 -8.39 -12.20 -16.55
N ARG A 62 -8.61 -12.87 -17.69
CA ARG A 62 -7.51 -13.55 -18.37
C ARG A 62 -6.48 -12.60 -18.95
N ASP A 63 -6.83 -11.32 -19.13
CA ASP A 63 -5.84 -10.35 -19.60
C ASP A 63 -4.80 -10.03 -18.54
N LEU A 64 -4.98 -10.48 -17.30
CA LEU A 64 -3.93 -10.37 -16.28
C LEU A 64 -2.82 -11.40 -16.45
N ILE A 65 -3.00 -12.41 -17.30
CA ILE A 65 -1.95 -13.39 -17.54
C ILE A 65 -0.91 -12.73 -18.43
N HIS A 66 0.37 -12.88 -18.07
CA HIS A 66 1.45 -12.28 -18.85
C HIS A 66 1.32 -12.61 -20.34
N GLY A 67 1.39 -11.58 -21.18
CA GLY A 67 1.31 -11.74 -22.61
C GLY A 67 -0.10 -11.84 -23.18
N ALA A 68 -1.11 -12.05 -22.34
CA ALA A 68 -2.47 -12.14 -22.85
C ALA A 68 -2.94 -10.88 -23.59
N PRO A 69 -2.58 -9.65 -23.19
CA PRO A 69 -3.13 -8.48 -23.89
C PRO A 69 -2.78 -8.42 -25.37
N VAL A 70 -1.71 -9.10 -25.81
CA VAL A 70 -1.36 -9.10 -27.24
C VAL A 70 -1.57 -10.48 -27.83
N GLY A 71 -2.48 -11.26 -27.24
CA GLY A 71 -2.77 -12.57 -27.76
C GLY A 71 -1.61 -13.54 -27.70
N LYS A 72 -0.65 -13.31 -26.80
CA LYS A 72 0.47 -14.23 -26.58
C LYS A 72 0.58 -14.58 -25.10
N PRO A 73 -0.47 -15.17 -24.52
CA PRO A 73 -0.42 -15.51 -23.10
C PRO A 73 0.65 -16.55 -22.82
N ALA A 74 1.38 -16.34 -21.73
CA ALA A 74 2.48 -17.21 -21.35
C ALA A 74 2.02 -18.55 -20.81
N ALA A 75 0.74 -18.67 -20.43
CA ALA A 75 0.26 -19.85 -19.74
C ALA A 75 -1.25 -19.78 -19.68
N ASN A 76 -1.85 -20.89 -19.25
CA ASN A 76 -3.29 -20.95 -18.99
CA ASN A 76 -3.28 -20.89 -19.00
C ASN A 76 -3.63 -20.56 -17.56
N ARG A 77 -2.63 -20.29 -16.72
CA ARG A 77 -2.85 -19.91 -15.34
C ARG A 77 -1.83 -18.86 -14.92
N ALA A 78 -2.16 -18.18 -13.83
CA ALA A 78 -1.29 -17.21 -13.18
C ALA A 78 -1.73 -17.15 -11.73
N PHE A 79 -0.85 -16.63 -10.86
CA PHE A 79 -1.30 -16.46 -9.49
C PHE A 79 -0.50 -15.38 -8.80
N VAL A 80 -1.08 -14.88 -7.71
CA VAL A 80 -0.35 -14.09 -6.73
C VAL A 80 -0.61 -14.71 -5.37
N SER A 81 0.45 -14.86 -4.57
CA SER A 81 0.31 -15.47 -3.25
CA SER A 81 0.36 -15.51 -3.26
C SER A 81 1.00 -14.61 -2.20
N MET A 82 0.34 -14.46 -1.06
CA MET A 82 0.88 -13.76 0.10
CA MET A 82 0.87 -13.76 0.10
C MET A 82 1.24 -14.76 1.18
N VAL A 83 2.47 -14.68 1.69
CA VAL A 83 2.89 -15.47 2.84
C VAL A 83 2.76 -14.61 4.09
N TYR A 84 1.86 -15.00 4.97
CA TYR A 84 1.54 -14.23 6.15
C TYR A 84 2.13 -14.94 7.36
N SER A 85 2.92 -14.21 8.14
CA SER A 85 3.64 -14.78 9.27
C SER A 85 3.14 -14.15 10.56
N GLU A 86 3.17 -14.95 11.62
CA GLU A 86 2.65 -14.57 12.92
C GLU A 86 3.49 -15.28 13.97
N GLU A 87 4.01 -14.51 14.93
CA GLU A 87 4.85 -15.07 15.99
C GLU A 87 4.13 -16.23 16.69
N GLY A 88 4.84 -17.34 16.83
CA GLY A 88 4.27 -18.53 17.43
C GLY A 88 3.39 -19.36 16.52
N ALA A 89 3.36 -19.08 15.21
CA ALA A 89 2.52 -19.78 14.27
C ALA A 89 3.31 -20.11 13.01
N GLU A 90 2.94 -21.22 12.36
CA GLU A 90 3.47 -21.52 11.04
C GLU A 90 2.98 -20.48 10.03
N ASP A 91 3.77 -20.28 8.97
CA ASP A 91 3.35 -19.37 7.91
C ASP A 91 2.04 -19.84 7.28
N ARG A 92 1.19 -18.87 6.91
CA ARG A 92 -0.06 -19.12 6.22
C ARG A 92 0.01 -18.45 4.85
N THR A 93 -0.38 -19.19 3.83
CA THR A 93 -0.32 -18.68 2.46
C THR A 93 -1.71 -18.39 1.94
N PHE A 94 -1.94 -17.16 1.48
CA PHE A 94 -3.20 -16.74 0.86
C PHE A 94 -2.93 -16.51 -0.62
N ALA A 95 -3.66 -17.21 -1.49
CA ALA A 95 -3.40 -17.12 -2.91
C ALA A 95 -4.67 -16.92 -3.71
N ARG A 96 -4.54 -16.19 -4.81
CA ARG A 96 -5.60 -16.11 -5.81
C ARG A 96 -5.01 -16.58 -7.12
N VAL A 97 -5.64 -17.58 -7.74
CA VAL A 97 -5.14 -18.25 -8.93
C VAL A 97 -6.12 -18.01 -10.07
N ILE A 98 -5.61 -17.58 -11.22
CA ILE A 98 -6.42 -17.47 -12.43
C ILE A 98 -6.36 -18.84 -13.11
N VAL A 99 -7.51 -19.49 -13.18
CA VAL A 99 -7.64 -20.83 -13.76
C VAL A 99 -8.90 -20.81 -14.62
N GLY A 100 -8.74 -20.95 -15.93
CA GLY A 100 -9.89 -21.02 -16.81
C GLY A 100 -10.73 -19.76 -16.82
N GLY A 101 -10.07 -18.61 -16.85
CA GLY A 101 -10.79 -17.35 -16.94
C GLY A 101 -11.55 -17.01 -15.67
N SER A 102 -11.33 -17.78 -14.61
CA SER A 102 -11.99 -17.58 -13.32
C SER A 102 -10.96 -17.56 -12.20
N SER A 103 -11.35 -16.96 -11.08
CA SER A 103 -10.49 -16.86 -9.90
C SER A 103 -10.77 -18.01 -8.94
N GLU A 104 -9.70 -18.63 -8.47
CA GLU A 104 -9.75 -19.62 -7.41
C GLU A 104 -8.98 -19.06 -6.22
N TYR A 105 -9.57 -19.12 -5.04
CA TYR A 105 -8.93 -18.64 -3.83
C TYR A 105 -8.44 -19.83 -3.01
N LYS A 106 -7.26 -19.67 -2.40
CA LYS A 106 -6.68 -20.77 -1.64
C LYS A 106 -6.04 -20.24 -0.36
N ILE A 107 -6.18 -21.01 0.72
CA ILE A 107 -5.51 -20.75 1.98
C ILE A 107 -4.71 -22.02 2.31
N ASN A 108 -3.38 -21.89 2.32
CA ASN A 108 -2.47 -23.02 2.54
C ASN A 108 -2.73 -24.16 1.55
N ASN A 109 -2.91 -23.81 0.28
CA ASN A 109 -3.12 -24.78 -0.79
C ASN A 109 -4.42 -25.55 -0.66
N LYS A 110 -5.40 -25.04 0.10
CA LYS A 110 -6.75 -25.57 0.11
C LYS A 110 -7.68 -24.54 -0.51
N VAL A 111 -8.44 -24.96 -1.53
CA VAL A 111 -9.34 -24.04 -2.22
C VAL A 111 -10.48 -23.62 -1.30
N VAL A 112 -10.78 -22.32 -1.28
CA VAL A 112 -11.85 -21.76 -0.47
C VAL A 112 -12.67 -20.83 -1.34
N GLN A 113 -13.91 -20.57 -0.90
CA GLN A 113 -14.69 -19.58 -1.60
C GLN A 113 -14.29 -18.17 -1.15
N LEU A 114 -14.63 -17.18 -1.98
CA LEU A 114 -14.28 -15.80 -1.67
C LEU A 114 -14.79 -15.37 -0.31
N HIS A 115 -15.97 -15.85 0.09
CA HIS A 115 -16.51 -15.50 1.39
C HIS A 115 -15.56 -15.90 2.51
N GLU A 116 -15.10 -17.16 2.50
CA GLU A 116 -14.17 -17.62 3.53
C GLU A 116 -12.82 -16.94 3.42
N TYR A 117 -12.33 -16.73 2.20
CA TYR A 117 -11.10 -15.97 1.99
C TYR A 117 -11.18 -14.61 2.66
N SER A 118 -12.25 -13.87 2.35
CA SER A 118 -12.44 -12.54 2.94
CA SER A 118 -12.44 -12.54 2.94
C SER A 118 -12.58 -12.62 4.45
N GLU A 119 -13.29 -13.64 4.95
CA GLU A 119 -13.49 -13.81 6.38
C GLU A 119 -12.18 -14.11 7.10
N GLU A 120 -11.35 -14.98 6.52
CA GLU A 120 -10.06 -15.27 7.15
C GLU A 120 -9.15 -14.05 7.15
N LEU A 121 -9.17 -13.27 6.06
CA LEU A 121 -8.36 -12.05 6.03
C LEU A 121 -8.83 -11.05 7.09
N GLU A 122 -10.16 -10.93 7.27
CA GLU A 122 -10.70 -9.99 8.24
C GLU A 122 -10.21 -10.29 9.65
N LYS A 123 -10.07 -11.57 9.97
CA LYS A 123 -9.55 -11.94 11.28
C LYS A 123 -8.12 -11.47 11.49
N LEU A 124 -7.37 -11.20 10.43
CA LEU A 124 -6.02 -10.70 10.54
C LEU A 124 -5.94 -9.18 10.55
N GLY A 125 -7.08 -8.49 10.43
CA GLY A 125 -7.10 -7.05 10.29
C GLY A 125 -7.06 -6.55 8.87
N ILE A 126 -7.23 -7.44 7.90
CA ILE A 126 -7.19 -7.09 6.48
C ILE A 126 -8.64 -7.08 5.98
N LEU A 127 -9.18 -5.88 5.78
CA LEU A 127 -10.60 -5.70 5.41
C LEU A 127 -10.64 -5.45 3.91
N ILE A 128 -11.07 -6.46 3.14
CA ILE A 128 -10.93 -6.28 1.70
C ILE A 128 -12.03 -5.43 1.10
N LYS A 129 -13.03 -5.01 1.88
CA LYS A 129 -13.98 -4.01 1.42
C LYS A 129 -13.58 -2.60 1.83
N ALA A 130 -13.27 -2.38 3.11
CA ALA A 130 -12.82 -1.05 3.54
C ALA A 130 -11.47 -0.68 2.91
N ARG A 131 -10.59 -1.67 2.75
CA ARG A 131 -9.28 -1.48 2.09
C ARG A 131 -8.55 -0.29 2.70
N ASN A 132 -8.57 -0.20 4.03
CA ASN A 132 -7.99 0.92 4.73
C ASN A 132 -6.48 0.79 4.87
N PHE A 133 -5.87 -0.21 4.24
CA PHE A 133 -4.44 -0.42 4.33
C PHE A 133 -3.72 -0.16 3.01
N LEU A 134 -4.43 0.24 1.96
CA LEU A 134 -3.86 0.47 0.63
C LEU A 134 -4.13 1.90 0.20
N VAL A 135 -3.09 2.61 -0.22
CA VAL A 135 -3.26 3.95 -0.77
C VAL A 135 -2.64 3.98 -2.16
N PHE A 136 -3.49 4.22 -3.17
CA PHE A 136 -3.04 4.16 -4.55
C PHE A 136 -2.33 5.45 -4.96
N GLN A 137 -1.57 5.34 -6.04
CA GLN A 137 -0.90 6.50 -6.65
C GLN A 137 -1.91 7.60 -6.93
N GLY A 138 -1.56 8.83 -6.53
CA GLY A 138 -2.39 10.00 -6.76
C GLY A 138 -3.63 10.10 -5.90
N ALA A 139 -3.75 9.26 -4.87
CA ALA A 139 -4.97 9.18 -4.07
C ALA A 139 -4.82 9.70 -2.65
N VAL A 140 -3.61 9.89 -2.13
CA VAL A 140 -3.49 10.14 -0.70
C VAL A 140 -4.18 11.45 -0.31
N GLU A 141 -4.09 12.48 -1.14
CA GLU A 141 -4.66 13.77 -0.75
C GLU A 141 -6.18 13.69 -0.64
N SER A 142 -6.81 12.90 -1.52
CA SER A 142 -8.27 12.75 -1.50
C SER A 142 -8.78 12.19 -0.17
N ILE A 143 -7.94 11.46 0.57
CA ILE A 143 -8.36 10.93 1.88
C ILE A 143 -8.65 12.08 2.86
N ALA A 144 -7.86 13.16 2.79
CA ALA A 144 -8.06 14.30 3.66
C ALA A 144 -9.12 15.26 3.15
N MET A 145 -9.31 15.36 1.83
CA MET A 145 -10.19 16.33 1.19
C MET A 145 -11.51 15.74 0.72
N LYS A 146 -11.80 14.49 1.05
CA LYS A 146 -13.00 13.92 0.46
C LYS A 146 -14.26 14.47 1.12
N ASN A 147 -15.37 14.25 0.44
CA ASN A 147 -16.70 14.62 0.89
C ASN A 147 -16.94 14.16 2.34
N PRO A 148 -17.40 15.04 3.24
CA PRO A 148 -17.76 14.59 4.59
C PRO A 148 -18.70 13.37 4.61
N LYS A 149 -19.68 13.32 3.70
CA LYS A 149 -20.60 12.19 3.64
C LYS A 149 -19.90 10.90 3.24
N GLU A 150 -18.85 11.00 2.39
CA GLU A 150 -18.11 9.78 2.05
C GLU A 150 -17.25 9.33 3.22
N ARG A 151 -16.77 10.26 4.04
CA ARG A 151 -16.02 9.85 5.21
C ARG A 151 -16.92 9.06 6.16
N THR A 152 -18.19 9.46 6.27
CA THR A 152 -19.13 8.71 7.09
C THR A 152 -19.31 7.28 6.58
N ALA A 153 -19.36 7.10 5.25
CA ALA A 153 -19.52 5.76 4.70
C ALA A 153 -18.33 4.88 5.07
N LEU A 154 -17.12 5.43 5.08
CA LEU A 154 -15.96 4.64 5.52
C LEU A 154 -16.15 4.17 6.95
N PHE A 155 -16.60 5.06 7.84
CA PHE A 155 -16.80 4.66 9.24
C PHE A 155 -17.95 3.66 9.37
N GLU A 156 -19.00 3.80 8.56
CA GLU A 156 -20.07 2.81 8.62
C GLU A 156 -19.62 1.43 8.14
N GLU A 157 -18.71 1.37 7.16
CA GLU A 157 -18.20 0.09 6.69
C GLU A 157 -17.33 -0.58 7.75
N ILE A 158 -16.37 0.16 8.30
CA ILE A 158 -15.41 -0.41 9.25
C ILE A 158 -16.11 -0.81 10.55
N SER A 159 -17.00 0.06 11.06
CA SER A 159 -17.70 -0.21 12.32
C SER A 159 -18.84 -1.21 12.17
N ARG A 160 -19.25 -1.54 10.94
CA ARG A 160 -20.40 -2.39 10.66
C ARG A 160 -21.73 -1.76 11.04
N SER A 161 -21.74 -0.47 11.40
CA SER A 161 -23.01 0.22 11.62
C SER A 161 -23.83 0.28 10.34
N GLY A 162 -23.17 0.34 9.17
CA GLY A 162 -23.86 0.32 7.89
C GLY A 162 -24.71 -0.91 7.68
N GLU A 163 -24.39 -2.02 8.35
CA GLU A 163 -25.22 -3.22 8.28
C GLU A 163 -26.63 -2.99 8.79
N LEU A 164 -26.81 -1.98 9.65
CA LEU A 164 -28.10 -1.71 10.28
C LEU A 164 -28.91 -0.66 9.55
N ALA A 165 -28.40 -0.12 8.44
CA ALA A 165 -29.04 1.03 7.80
C ALA A 165 -30.37 0.63 7.18
N GLN A 166 -30.44 -0.57 6.61
CA GLN A 166 -31.70 -1.07 6.05
C GLN A 166 -32.79 -1.13 7.10
N GLU A 167 -32.51 -1.76 8.25
CA GLU A 167 -33.52 -1.84 9.30
C GLU A 167 -33.85 -0.46 9.84
N TYR A 168 -32.83 0.40 9.99
CA TYR A 168 -33.06 1.76 10.44
C TYR A 168 -34.05 2.48 9.53
N ASP A 169 -33.86 2.36 8.22
CA ASP A 169 -34.71 3.07 7.27
C ASP A 169 -36.15 2.59 7.35
N LYS A 170 -36.33 1.27 7.48
CA LYS A 170 -37.67 0.69 7.58
C LYS A 170 -38.39 1.16 8.83
N ARG A 171 -37.72 1.08 10.00
CA ARG A 171 -38.32 1.51 11.26
C ARG A 171 -38.64 3.00 11.26
N LYS A 172 -37.80 3.81 10.60
CA LYS A 172 -38.07 5.25 10.52
C LYS A 172 -39.37 5.53 9.76
N LYS A 173 -39.56 4.86 8.62
CA LYS A 173 -40.79 5.05 7.84
C LYS A 173 -42.00 4.51 8.57
N GLU A 174 -41.87 3.34 9.23
CA GLU A 174 -43.00 2.80 9.96
C GLU A 174 -43.38 3.69 11.15
N MET A 175 -42.46 4.53 11.60
CA MET A 175 -42.71 5.50 12.66
C MET A 175 -43.37 6.78 12.13
N GLY A 176 -43.54 6.90 10.82
CA GLY A 176 -44.23 8.05 10.24
C GLY A 176 -43.35 8.96 9.40
N SER A 177 -42.05 8.71 9.32
CA SER A 177 -41.20 9.47 8.43
C SER A 177 -41.75 9.38 7.02
N GLY A 178 -41.83 10.53 6.35
CA GLY A 178 -42.40 10.61 5.03
C GLY A 178 -43.86 11.03 4.99
N SER A 179 -44.54 11.08 6.12
CA SER A 179 -45.89 11.65 6.11
C SER A 179 -45.82 13.15 6.44
N LEU A 180 -46.89 13.87 6.06
CA LEU A 180 -46.90 15.32 6.27
C LEU A 180 -46.67 15.67 7.73
N VAL A 181 -47.39 14.99 8.61
CA VAL A 181 -47.21 15.11 10.05
C VAL A 181 -46.89 13.73 10.61
N PRO A 182 -45.61 13.39 10.76
CA PRO A 182 -45.25 12.07 11.31
C PRO A 182 -45.87 11.90 12.70
N ARG A 183 -46.62 10.83 12.85
CA ARG A 183 -47.16 10.40 14.13
C ARG A 183 -46.77 8.95 14.32
N GLY A 184 -46.20 8.63 15.47
CA GLY A 184 -45.80 7.27 15.78
C GLY A 184 -46.29 6.87 17.15
N SER A 185 -46.72 5.61 17.25
CA SER A 185 -47.08 5.06 18.54
C SER A 185 -45.87 5.02 19.46
N GLY A 186 -46.11 4.69 20.73
CA GLY A 186 -45.00 4.39 21.61
C GLY A 186 -44.17 3.22 21.13
N SER A 187 -44.81 2.26 20.46
CA SER A 187 -44.14 1.03 20.03
C SER A 187 -43.28 1.22 18.79
N ALA A 188 -43.88 1.73 17.70
CA ALA A 188 -43.11 1.97 16.47
C ALA A 188 -42.01 3.00 16.73
N LYS A 189 -42.29 3.97 17.60
CA LYS A 189 -41.24 4.89 18.03
C LYS A 189 -40.16 4.15 18.79
N GLN A 190 -40.54 3.22 19.68
CA GLN A 190 -39.54 2.48 20.43
C GLN A 190 -38.69 1.64 19.50
N ALA A 191 -39.31 0.98 18.51
CA ALA A 191 -38.53 0.18 17.56
C ALA A 191 -37.54 1.04 16.80
N PHE A 192 -37.90 2.29 16.51
CA PHE A 192 -36.96 3.17 15.82
C PHE A 192 -35.87 3.67 16.76
N GLU A 193 -36.25 4.12 17.96
CA GLU A 193 -35.25 4.51 18.94
C GLU A 193 -34.28 3.37 19.24
N GLN A 194 -34.75 2.12 19.10
CA GLN A 194 -33.92 0.96 19.40
C GLN A 194 -32.88 0.72 18.30
N ILE A 195 -33.32 0.69 17.05
CA ILE A 195 -32.38 0.47 15.96
C ILE A 195 -31.45 1.67 15.82
N LYS A 196 -31.95 2.86 16.13
CA LYS A 196 -31.11 4.05 16.09
C LYS A 196 -30.01 3.98 17.14
N LYS A 197 -30.35 3.54 18.37
CA LYS A 197 -29.33 3.34 19.39
C LYS A 197 -28.31 2.30 18.97
N GLU A 198 -28.76 1.21 18.34
CA GLU A 198 -27.84 0.16 17.94
C GLU A 198 -26.86 0.66 16.88
N ARG A 199 -27.35 1.40 15.89
CA ARG A 199 -26.49 1.96 14.85
C ARG A 199 -25.55 3.01 15.41
N PHE A 200 -26.07 3.84 16.32
CA PHE A 200 -25.27 4.84 17.02
C PHE A 200 -24.13 4.19 17.80
N ASP A 201 -24.43 3.13 18.56
CA ASP A 201 -23.39 2.48 19.36
C ASP A 201 -22.34 1.80 18.49
N ARG A 202 -22.75 1.09 17.44
CA ARG A 202 -21.79 0.50 16.52
C ARG A 202 -20.89 1.56 15.91
N PHE A 203 -21.50 2.64 15.39
CA PHE A 203 -20.73 3.71 14.76
C PHE A 203 -19.74 4.34 15.74
N ASN A 204 -20.21 4.68 16.94
CA ASN A 204 -19.38 5.40 17.91
C ASN A 204 -18.28 4.53 18.52
N ALA A 205 -18.50 3.21 18.60
CA ALA A 205 -17.43 2.34 19.08
C ALA A 205 -16.17 2.49 18.25
N CYS A 206 -16.35 2.72 16.94
CA CYS A 206 -15.22 2.97 16.05
C CYS A 206 -14.88 4.46 16.00
N PHE A 207 -15.86 5.32 15.69
CA PHE A 207 -15.56 6.72 15.43
C PHE A 207 -14.95 7.41 16.64
N GLU A 208 -15.46 7.14 17.84
CA GLU A 208 -14.95 7.85 19.00
C GLU A 208 -13.50 7.50 19.26
N SER A 209 -13.12 6.24 19.03
CA SER A 209 -11.73 5.83 19.17
CA SER A 209 -11.73 5.84 19.17
C SER A 209 -10.83 6.57 18.18
N VAL A 210 -11.23 6.59 16.90
CA VAL A 210 -10.43 7.26 15.89
C VAL A 210 -10.35 8.76 16.17
N ALA A 211 -11.46 9.37 16.55
CA ALA A 211 -11.47 10.80 16.80
C ALA A 211 -10.63 11.17 18.03
N THR A 212 -10.63 10.32 19.05
CA THR A 212 -9.84 10.65 20.24
C THR A 212 -8.37 10.26 20.11
N ASN A 213 -7.99 9.48 19.10
CA ASN A 213 -6.59 9.17 18.87
C ASN A 213 -5.93 10.01 17.78
N ILE A 214 -6.72 10.64 16.89
CA ILE A 214 -6.15 11.26 15.71
C ILE A 214 -5.25 12.46 16.04
N ASP A 215 -5.60 13.23 17.07
CA ASP A 215 -4.82 14.43 17.38
C ASP A 215 -3.39 14.07 17.76
N GLU A 216 -3.23 13.07 18.64
CA GLU A 216 -1.89 12.63 19.04
C GLU A 216 -1.08 12.18 17.83
N ILE A 217 -1.74 11.48 16.89
CA ILE A 217 -1.05 10.98 15.70
C ILE A 217 -0.65 12.12 14.78
N TYR A 218 -1.55 13.09 14.57
CA TYR A 218 -1.21 14.25 13.74
C TYR A 218 -0.09 15.06 14.38
N LYS A 219 -0.10 15.21 15.72
CA LYS A 219 1.03 15.80 16.42
C LYS A 219 2.31 15.00 16.17
N ALA A 220 2.22 13.67 16.30
CA ALA A 220 3.42 12.84 16.15
C ALA A 220 3.94 12.82 14.72
N LEU A 221 3.05 12.90 13.72
CA LEU A 221 3.51 13.06 12.35
C LEU A 221 4.15 14.42 12.16
N SER A 222 3.44 15.48 12.57
CA SER A 222 3.99 16.83 12.52
C SER A 222 5.17 16.99 13.46
N ARG A 223 5.27 16.13 14.49
CA ARG A 223 6.32 16.18 15.51
C ARG A 223 6.36 17.54 16.22
N ASN A 224 5.21 18.21 16.34
CA ASN A 224 5.10 19.50 17.03
C ASN A 224 3.83 19.53 17.86
N SER A 225 3.87 20.29 18.95
CA SER A 225 2.70 20.46 19.80
C SER A 225 1.70 21.47 19.23
N SER A 226 2.15 22.40 18.38
CA SER A 226 1.25 23.39 17.77
C SER A 226 0.19 22.75 16.89
N ALA A 227 0.47 21.58 16.33
CA ALA A 227 -0.45 20.97 15.38
C ALA A 227 -1.69 20.42 16.10
N GLN A 228 -2.85 20.52 15.44
CA GLN A 228 -4.09 19.99 16.00
C GLN A 228 -4.92 19.36 14.89
N ALA A 229 -5.60 18.26 15.24
CA ALA A 229 -6.53 17.58 14.33
C ALA A 229 -7.84 17.29 15.05
N PHE A 230 -8.94 17.60 14.37
CA PHE A 230 -10.29 17.48 14.91
C PHE A 230 -11.15 16.68 13.94
N LEU A 231 -11.77 15.62 14.44
CA LEU A 231 -12.80 14.90 13.71
C LEU A 231 -14.13 15.10 14.44
N GLY A 232 -15.14 15.60 13.73
CA GLY A 232 -16.42 15.85 14.36
C GLY A 232 -17.59 15.59 13.43
N PRO A 233 -18.67 15.03 13.97
CA PRO A 233 -19.87 14.80 13.14
C PRO A 233 -20.67 16.08 12.93
N GLU A 234 -21.16 16.25 11.70
CA GLU A 234 -22.15 17.30 11.45
C GLU A 234 -23.43 17.07 12.23
N ASN A 235 -23.81 15.81 12.44
CA ASN A 235 -25.02 15.46 13.20
C ASN A 235 -24.61 14.71 14.46
N PRO A 236 -24.36 15.42 15.57
CA PRO A 236 -23.85 14.71 16.75
C PRO A 236 -24.81 13.66 17.30
N GLU A 237 -26.12 13.87 17.19
CA GLU A 237 -27.07 12.90 17.71
C GLU A 237 -27.14 11.64 16.85
N GLU A 238 -26.98 11.78 15.53
CA GLU A 238 -27.04 10.65 14.61
C GLU A 238 -25.89 10.77 13.60
N PRO A 239 -24.66 10.48 14.04
CA PRO A 239 -23.49 10.81 13.21
C PRO A 239 -23.49 10.15 11.84
N TYR A 240 -24.09 8.97 11.73
CA TYR A 240 -24.14 8.19 10.49
C TYR A 240 -25.06 8.80 9.43
N LEU A 241 -25.89 9.80 9.78
CA LEU A 241 -26.83 10.40 8.85
C LEU A 241 -26.25 11.56 8.06
N ASP A 242 -25.15 12.17 8.55
CA ASP A 242 -24.58 13.32 7.88
C ASP A 242 -23.08 13.13 7.74
N GLY A 243 -22.33 14.19 7.43
CA GLY A 243 -20.92 14.06 7.17
C GLY A 243 -20.05 14.04 8.43
N ILE A 244 -18.81 13.61 8.25
CA ILE A 244 -17.79 13.67 9.29
C ILE A 244 -16.80 14.76 8.89
N ASN A 245 -16.77 15.86 9.65
CA ASN A 245 -15.86 16.97 9.39
C ASN A 245 -14.46 16.64 9.87
N TYR A 246 -13.46 17.04 9.08
CA TYR A 246 -12.04 16.86 9.39
C TYR A 246 -11.36 18.20 9.18
N ASN A 247 -10.83 18.78 10.27
CA ASN A 247 -10.08 20.03 10.18
C ASN A 247 -8.81 19.91 10.98
N CYS A 248 -7.75 20.53 10.46
CA CYS A 248 -6.46 20.49 11.12
CA CYS A 248 -6.43 20.47 11.07
C CYS A 248 -5.87 21.88 11.19
N VAL A 249 -4.99 22.06 12.16
CA VAL A 249 -4.13 23.24 12.27
C VAL A 249 -2.70 22.72 12.17
N ALA A 250 -2.03 23.03 11.08
CA ALA A 250 -0.63 22.64 10.93
C ALA A 250 0.22 23.41 11.94
N PRO A 251 1.37 22.85 12.34
CA PRO A 251 2.15 23.48 13.43
C PRO A 251 2.89 24.72 12.96
N GLY A 252 2.94 25.73 13.82
CA GLY A 252 3.52 27.00 13.48
C GLY A 252 2.75 27.73 12.39
N LYS A 253 1.52 27.27 12.13
CA LYS A 253 0.66 27.83 11.11
C LYS A 253 -0.61 28.38 11.75
N ARG A 254 -1.25 29.30 11.04
CA ARG A 254 -2.59 29.74 11.38
C ARG A 254 -3.60 28.82 10.71
N PHE A 255 -4.79 28.75 11.31
CA PHE A 255 -5.81 27.85 10.78
C PHE A 255 -6.19 28.23 9.36
N ARG A 256 -6.39 27.20 8.53
CA ARG A 256 -6.91 27.31 7.18
C ARG A 256 -7.90 26.18 6.97
N PRO A 257 -8.90 26.36 6.10
CA PRO A 257 -9.73 25.21 5.69
C PRO A 257 -8.95 24.19 4.88
N MET A 258 -9.57 23.06 4.52
CA MET A 258 -8.81 21.92 4.05
C MET A 258 -8.33 22.09 2.60
N ASP A 259 -9.15 22.67 1.73
CA ASP A 259 -8.74 22.84 0.33
C ASP A 259 -7.74 23.98 0.13
N ASN A 260 -7.40 24.72 1.19
CA ASN A 260 -6.35 25.74 1.16
C ASN A 260 -4.98 25.21 1.56
N LEU A 261 -4.90 23.99 2.05
CA LEU A 261 -3.61 23.44 2.43
C LEU A 261 -2.81 23.08 1.18
N SER A 262 -1.49 23.03 1.35
CA SER A 262 -0.64 22.54 0.28
C SER A 262 -0.88 21.05 0.05
N GLY A 263 -0.45 20.56 -1.11
CA GLY A 263 -0.50 19.13 -1.36
C GLY A 263 0.19 18.33 -0.27
N GLY A 264 1.34 18.82 0.19
CA GLY A 264 2.07 18.13 1.25
C GLY A 264 1.35 18.19 2.58
N GLU A 265 0.76 19.34 2.92
CA GLU A 265 0.03 19.43 4.18
C GLU A 265 -1.20 18.54 4.15
N LYS A 266 -1.90 18.48 3.01
CA LYS A 266 -3.03 17.57 2.86
C LYS A 266 -2.59 16.12 3.00
N THR A 267 -1.40 15.81 2.48
CA THR A 267 -0.89 14.45 2.58
C THR A 267 -0.70 14.04 4.03
N VAL A 268 -0.10 14.90 4.85
CA VAL A 268 0.13 14.57 6.25
C VAL A 268 -1.20 14.42 6.99
N ALA A 269 -2.18 15.26 6.67
CA ALA A 269 -3.51 15.13 7.26
C ALA A 269 -4.15 13.80 6.87
N ALA A 270 -4.01 13.41 5.61
CA ALA A 270 -4.53 12.12 5.15
C ALA A 270 -3.88 10.97 5.91
N LEU A 271 -2.54 10.99 6.05
CA LEU A 271 -1.86 9.93 6.77
C LEU A 271 -2.26 9.86 8.24
N ALA A 272 -2.50 11.02 8.88
CA ALA A 272 -2.97 10.96 10.26
C ALA A 272 -4.28 10.21 10.36
N LEU A 273 -5.19 10.46 9.42
CA LEU A 273 -6.47 9.75 9.44
C LEU A 273 -6.26 8.26 9.17
N LEU A 274 -5.43 7.94 8.17
CA LEU A 274 -5.07 6.55 7.89
C LEU A 274 -4.59 5.83 9.16
N PHE A 275 -3.65 6.43 9.88
CA PHE A 275 -3.09 5.77 11.05
C PHE A 275 -4.02 5.84 12.25
N ALA A 276 -4.90 6.84 12.34
CA ALA A 276 -5.89 6.86 13.40
C ALA A 276 -6.90 5.74 13.23
N ILE A 277 -7.28 5.41 11.98
CA ILE A 277 -8.14 4.25 11.76
C ILE A 277 -7.44 2.98 12.23
N HIS A 278 -6.13 2.86 11.95
CA HIS A 278 -5.34 1.72 12.39
C HIS A 278 -5.29 1.58 13.92
N SER A 279 -5.36 2.69 14.66
CA SER A 279 -5.34 2.57 16.12
C SER A 279 -6.58 1.90 16.66
N TYR A 280 -7.70 1.96 15.93
CA TYR A 280 -8.94 1.27 16.30
C TYR A 280 -8.94 -0.17 15.81
N LYS A 281 -8.66 -0.38 14.53
CA LYS A 281 -8.70 -1.70 13.89
C LYS A 281 -7.37 -1.90 13.16
N PRO A 282 -6.36 -2.43 13.85
CA PRO A 282 -5.01 -2.44 13.26
C PRO A 282 -4.91 -3.37 12.07
N ALA A 283 -4.34 -2.88 11.01
CA ALA A 283 -3.98 -3.76 9.91
C ALA A 283 -2.54 -4.20 10.06
N PRO A 284 -2.18 -5.40 9.60
CA PRO A 284 -0.80 -5.85 9.79
C PRO A 284 0.21 -5.10 8.93
N PHE A 285 -0.19 -4.61 7.75
CA PHE A 285 0.72 -3.86 6.89
C PHE A 285 -0.05 -2.80 6.09
N PHE A 286 0.67 -1.78 5.66
CA PHE A 286 0.18 -0.79 4.72
C PHE A 286 0.97 -0.90 3.43
N VAL A 287 0.30 -0.65 2.32
CA VAL A 287 0.93 -0.55 1.01
C VAL A 287 0.62 0.85 0.49
N LEU A 288 1.66 1.66 0.33
CA LEU A 288 1.53 3.10 0.09
C LEU A 288 2.25 3.43 -1.21
N ASP A 289 1.48 3.75 -2.24
CA ASP A 289 2.01 3.94 -3.60
C ASP A 289 2.22 5.44 -3.82
N GLN A 290 3.49 5.87 -3.73
CA GLN A 290 3.91 7.24 -4.04
C GLN A 290 3.19 8.28 -3.17
N ILE A 291 3.02 7.97 -1.90
CA ILE A 291 2.38 8.95 -1.02
C ILE A 291 3.29 10.14 -0.74
N ASP A 292 4.58 10.06 -1.10
CA ASP A 292 5.53 11.14 -0.90
C ASP A 292 5.56 12.12 -2.07
N ALA A 293 4.67 11.97 -3.06
CA ALA A 293 4.73 12.78 -4.27
C ALA A 293 4.69 14.28 -3.97
N ALA A 294 3.85 14.71 -3.03
CA ALA A 294 3.70 16.12 -2.73
C ALA A 294 4.45 16.56 -1.48
N LEU A 295 5.26 15.68 -0.88
CA LEU A 295 5.94 16.00 0.37
C LEU A 295 7.29 16.67 0.09
N ASP A 296 7.55 17.77 0.80
CA ASP A 296 8.90 18.31 0.81
C ASP A 296 9.79 17.41 1.68
N ASN A 297 11.07 17.76 1.75
CA ASN A 297 12.02 16.88 2.44
C ASN A 297 11.80 16.88 3.95
N THR A 298 11.36 18.01 4.52
CA THR A 298 11.07 18.03 5.96
C THR A 298 9.97 17.03 6.30
N ASN A 299 8.88 17.07 5.53
CA ASN A 299 7.76 16.17 5.79
C ASN A 299 8.08 14.73 5.42
N ILE A 300 8.94 14.52 4.41
CA ILE A 300 9.40 13.16 4.13
C ILE A 300 10.10 12.59 5.35
N GLY A 301 10.96 13.39 5.97
CA GLY A 301 11.67 12.92 7.15
C GLY A 301 10.73 12.59 8.29
N LYS A 302 9.72 13.43 8.50
CA LYS A 302 8.82 13.19 9.63
C LYS A 302 7.94 11.98 9.37
N VAL A 303 7.50 11.77 8.13
CA VAL A 303 6.71 10.59 7.82
C VAL A 303 7.55 9.32 7.92
N ALA A 304 8.75 9.34 7.35
CA ALA A 304 9.60 8.14 7.44
C ALA A 304 9.93 7.81 8.89
N ASN A 305 10.20 8.83 9.72
CA ASN A 305 10.50 8.58 11.13
C ASN A 305 9.30 7.99 11.86
N TYR A 306 8.10 8.48 11.56
CA TYR A 306 6.91 7.90 12.16
C TYR A 306 6.78 6.43 11.79
N ILE A 307 7.01 6.10 10.51
CA ILE A 307 6.94 4.70 10.08
C ILE A 307 7.99 3.87 10.79
N LYS A 308 9.23 4.38 10.89
CA LYS A 308 10.32 3.59 11.46
C LYS A 308 10.13 3.37 12.95
N GLU A 309 9.64 4.38 13.66
CA GLU A 309 9.35 4.29 15.08
C GLU A 309 7.97 3.68 15.33
N GLN A 310 7.32 3.17 14.28
CA GLN A 310 6.11 2.37 14.34
C GLN A 310 6.24 1.01 13.67
N SER A 311 7.19 0.82 12.77
CA SER A 311 7.32 -0.45 12.07
C SER A 311 7.95 -1.54 12.91
N THR A 312 8.54 -1.20 14.06
CA THR A 312 9.07 -2.24 14.95
C THR A 312 7.95 -3.01 15.62
N CYS A 313 6.84 -2.34 15.93
CA CYS A 313 5.82 -2.90 16.82
C CYS A 313 4.42 -2.85 16.19
N ASN A 314 4.01 -1.67 15.74
CA ASN A 314 2.62 -1.46 15.35
C ASN A 314 2.31 -2.11 14.01
N PHE A 315 2.97 -1.66 12.94
CA PHE A 315 2.61 -2.13 11.61
C PHE A 315 3.86 -2.26 10.74
N GLN A 316 3.66 -2.89 9.60
CA GLN A 316 4.65 -2.99 8.55
C GLN A 316 4.28 -2.03 7.41
N ALA A 317 5.29 -1.45 6.77
CA ALA A 317 5.03 -0.50 5.70
C ALA A 317 5.76 -0.94 4.44
N ILE A 318 5.02 -1.06 3.34
CA ILE A 318 5.56 -1.31 2.00
C ILE A 318 5.24 -0.09 1.18
N VAL A 319 6.27 0.62 0.73
CA VAL A 319 6.01 1.87 0.02
C VAL A 319 6.60 1.76 -1.36
N ILE A 320 5.92 2.38 -2.33
CA ILE A 320 6.49 2.60 -3.66
C ILE A 320 6.89 4.07 -3.74
N SER A 321 8.15 4.34 -4.08
CA SER A 321 8.62 5.72 -4.04
C SER A 321 9.55 6.03 -5.20
N LEU A 322 9.39 7.25 -5.75
CA LEU A 322 10.29 7.81 -6.74
C LEU A 322 11.35 8.72 -6.13
N LYS A 323 11.30 8.96 -4.81
CA LYS A 323 12.11 9.98 -4.17
C LYS A 323 13.15 9.35 -3.25
N GLU A 324 14.44 9.55 -3.59
CA GLU A 324 15.48 8.94 -2.78
C GLU A 324 15.47 9.45 -1.34
N GLU A 325 15.03 10.68 -1.13
CA GLU A 325 14.93 11.22 0.23
C GLU A 325 14.03 10.35 1.10
N PHE A 326 12.99 9.73 0.51
CA PHE A 326 12.11 8.82 1.22
C PHE A 326 12.65 7.39 1.21
N TYR A 327 12.99 6.84 0.04
CA TYR A 327 13.26 5.41 0.04
C TYR A 327 14.61 5.08 0.68
N THR A 328 15.54 6.04 0.77
CA THR A 328 16.78 5.73 1.48
C THR A 328 16.58 5.63 3.00
N LYS A 329 15.38 5.91 3.51
CA LYS A 329 15.08 5.73 4.92
C LYS A 329 14.51 4.35 5.22
N ALA A 330 14.23 3.53 4.21
CA ALA A 330 13.74 2.17 4.40
C ALA A 330 14.87 1.24 4.80
N GLU A 331 14.49 0.08 5.34
CA GLU A 331 15.46 -0.96 5.68
C GLU A 331 15.93 -1.71 4.46
N SER A 332 15.03 -2.00 3.54
CA SER A 332 15.47 -2.65 2.32
C SER A 332 14.74 -2.06 1.12
N LEU A 333 15.37 -2.25 -0.03
CA LEU A 333 14.82 -1.83 -1.31
C LEU A 333 14.53 -3.05 -2.16
N ILE A 334 13.38 -3.02 -2.80
CA ILE A 334 13.04 -3.96 -3.87
C ILE A 334 13.11 -3.13 -5.14
N GLY A 335 14.08 -3.40 -6.00
CA GLY A 335 14.24 -2.65 -7.23
C GLY A 335 13.62 -3.43 -8.39
N VAL A 336 12.78 -2.73 -9.16
CA VAL A 336 12.11 -3.31 -10.32
C VAL A 336 12.83 -2.86 -11.58
N TYR A 337 13.07 -3.79 -12.50
CA TYR A 337 13.67 -3.46 -13.79
C TYR A 337 12.97 -4.22 -14.90
N PRO A 338 12.92 -3.64 -16.10
CA PRO A 338 12.31 -4.33 -17.23
C PRO A 338 13.30 -5.11 -18.08
N GLU A 339 12.78 -6.19 -18.68
CA GLU A 339 13.54 -7.00 -19.62
C GLU A 339 12.82 -6.96 -20.95
N GLN A 340 13.60 -7.05 -22.03
CA GLN A 340 13.05 -6.98 -23.37
C GLN A 340 12.43 -8.33 -23.74
N GLY A 341 11.32 -8.27 -24.45
CA GLY A 341 10.66 -9.48 -24.89
C GLY A 341 9.46 -9.13 -25.73
N ASP A 342 8.69 -10.17 -26.08
CA ASP A 342 7.42 -9.96 -26.77
C ASP A 342 6.62 -8.86 -26.09
N CYS A 343 6.45 -8.98 -24.77
CA CYS A 343 5.96 -7.93 -23.90
C CYS A 343 7.06 -7.51 -22.95
N VAL A 344 6.82 -6.38 -22.27
CA VAL A 344 7.70 -5.97 -21.19
C VAL A 344 7.64 -6.99 -20.06
N ILE A 345 8.81 -7.47 -19.66
CA ILE A 345 8.96 -8.39 -18.54
C ILE A 345 9.53 -7.60 -17.37
N SER A 346 8.90 -7.71 -16.20
CA SER A 346 9.43 -7.13 -14.97
C SER A 346 10.10 -8.20 -14.13
N LYS A 347 11.24 -7.85 -13.54
CA LYS A 347 11.91 -8.67 -12.55
C LYS A 347 12.41 -7.76 -11.43
N VAL A 348 12.80 -8.35 -10.31
CA VAL A 348 13.16 -7.55 -9.16
C VAL A 348 14.48 -8.00 -8.57
N LEU A 349 15.16 -7.05 -7.92
CA LEU A 349 16.34 -7.24 -7.10
C LEU A 349 16.04 -6.80 -5.68
N THR A 350 16.79 -7.34 -4.72
CA THR A 350 16.65 -6.94 -3.32
C THR A 350 17.97 -6.39 -2.79
N PHE A 351 17.86 -5.33 -1.99
CA PHE A 351 19.04 -4.63 -1.48
C PHE A 351 18.84 -4.23 -0.02
N ASP A 352 19.81 -4.56 0.83
CA ASP A 352 19.72 -4.30 2.27
C ASP A 352 20.45 -3.01 2.58
N LEU A 353 19.70 -1.95 2.91
CA LEU A 353 20.32 -0.67 3.23
C LEU A 353 20.88 -0.60 4.65
N THR A 354 20.47 -1.52 5.53
CA THR A 354 20.90 -1.41 6.93
C THR A 354 22.39 -1.72 7.10
N LYS A 355 23.05 -2.26 6.07
CA LYS A 355 24.49 -2.48 6.07
C LYS A 355 25.30 -1.19 6.04
N TYR A 356 24.69 -0.05 5.71
CA TYR A 356 25.46 1.15 5.47
C TYR A 356 25.09 2.22 6.49
N PRO A 357 26.06 3.02 6.95
CA PRO A 357 25.71 4.10 7.89
C PRO A 357 24.89 5.16 7.18
N ASP A 358 23.81 5.60 7.82
CA ASP A 358 23.02 6.70 7.26
C ASP A 358 23.60 8.02 7.78
N ALA A 359 24.81 8.31 7.30
CA ALA A 359 25.54 9.46 7.84
C ALA A 359 26.69 9.85 6.92
N ASN A 360 27.66 10.59 7.48
CA ASN A 360 28.89 10.93 6.79
C ASN A 360 30.05 10.99 7.80
N ARG B 13 44.41 7.07 -25.81
CA ARG B 13 44.11 7.58 -24.47
C ARG B 13 42.79 7.03 -23.96
N ALA B 14 41.81 6.91 -24.86
CA ALA B 14 40.54 6.26 -24.52
C ALA B 14 40.59 4.75 -24.66
N LEU B 15 41.55 4.22 -25.43
CA LEU B 15 41.66 2.78 -25.64
C LEU B 15 42.14 2.04 -24.40
N ALA B 16 42.84 2.70 -23.49
CA ALA B 16 43.42 2.05 -22.32
C ALA B 16 42.45 1.87 -21.17
N LYS B 17 41.23 2.41 -21.26
CA LYS B 17 40.24 2.30 -20.20
C LYS B 17 39.58 0.92 -20.19
N THR B 18 40.41 -0.11 -20.04
CA THR B 18 39.93 -1.48 -19.96
C THR B 18 39.15 -1.69 -18.66
N GLY B 19 38.40 -2.79 -18.62
CA GLY B 19 37.57 -3.09 -17.46
C GLY B 19 37.52 -4.56 -17.11
N ALA B 20 36.59 -4.94 -16.25
CA ALA B 20 36.48 -6.29 -15.72
C ALA B 20 35.41 -7.08 -16.46
N GLU B 21 35.37 -8.38 -16.18
CA GLU B 21 34.30 -9.22 -16.74
C GLU B 21 33.02 -9.11 -15.93
N SER B 22 33.11 -8.73 -14.67
CA SER B 22 31.90 -8.55 -13.88
C SER B 22 32.16 -7.49 -12.83
N ILE B 23 31.08 -6.88 -12.36
CA ILE B 23 31.11 -5.84 -11.33
CA ILE B 23 31.13 -5.88 -11.31
C ILE B 23 30.21 -6.31 -10.19
N SER B 24 30.73 -6.29 -8.97
CA SER B 24 29.95 -6.64 -7.79
C SER B 24 29.34 -5.38 -7.20
N LEU B 25 28.01 -5.35 -7.08
CA LEU B 25 27.39 -4.17 -6.48
C LEU B 25 27.84 -4.01 -5.03
N LEU B 26 27.92 -5.11 -4.29
CA LEU B 26 28.31 -4.97 -2.89
C LEU B 26 29.75 -4.48 -2.76
N GLU B 27 30.62 -4.90 -3.68
CA GLU B 27 31.97 -4.36 -3.67
C GLU B 27 31.97 -2.86 -3.98
N LEU B 28 31.18 -2.42 -4.96
CA LEU B 28 31.04 -0.99 -5.25
C LEU B 28 30.59 -0.20 -4.03
N CYS B 29 29.76 -0.80 -3.18
CA CYS B 29 29.16 -0.07 -2.07
C CYS B 29 29.97 -0.17 -0.79
N ARG B 30 31.12 -0.84 -0.82
CA ARG B 30 31.99 -0.89 0.35
C ARG B 30 32.37 0.53 0.77
N ASN B 31 32.22 0.81 2.06
CA ASN B 31 32.55 2.12 2.63
C ASN B 31 31.71 3.26 2.04
N THR B 32 30.53 2.98 1.49
CA THR B 32 29.58 4.03 1.13
C THR B 32 28.56 4.23 2.24
N ASN B 33 27.88 5.38 2.20
CA ASN B 33 26.77 5.57 3.11
C ASN B 33 25.49 5.09 2.44
N ARG B 34 24.37 5.18 3.17
CA ARG B 34 23.12 4.60 2.69
C ARG B 34 22.65 5.27 1.40
N LYS B 35 22.77 6.59 1.32
CA LYS B 35 22.28 7.28 0.12
C LYS B 35 23.14 6.95 -1.09
N GLN B 36 24.46 6.91 -0.90
CA GLN B 36 25.35 6.54 -1.99
C GLN B 36 25.08 5.11 -2.46
N ALA B 37 24.90 4.19 -1.51
CA ALA B 37 24.67 2.79 -1.87
C ALA B 37 23.36 2.64 -2.62
N ALA B 38 22.30 3.28 -2.12
CA ALA B 38 21.01 3.26 -2.82
C ALA B 38 21.14 3.79 -4.24
N ALA B 39 21.94 4.84 -4.44
CA ALA B 39 22.07 5.42 -5.77
C ALA B 39 22.78 4.46 -6.72
N LYS B 40 23.76 3.70 -6.22
CA LYS B 40 24.42 2.72 -7.05
C LYS B 40 23.46 1.58 -7.41
N PHE B 41 22.67 1.11 -6.44
CA PHE B 41 21.63 0.11 -6.70
C PHE B 41 20.67 0.60 -7.78
N TYR B 42 20.19 1.84 -7.64
CA TYR B 42 19.27 2.39 -8.62
C TYR B 42 19.92 2.52 -9.99
N SER B 43 21.20 2.90 -10.04
CA SER B 43 21.87 3.02 -11.33
CA SER B 43 21.91 3.00 -11.31
C SER B 43 21.94 1.66 -12.03
N PHE B 44 22.09 0.56 -11.26
CA PHE B 44 22.07 -0.77 -11.87
C PHE B 44 20.72 -1.04 -12.52
N LEU B 45 19.62 -0.58 -11.89
CA LEU B 45 18.30 -0.76 -12.49
C LEU B 45 18.19 -0.01 -13.81
N VAL B 46 18.71 1.22 -13.85
CA VAL B 46 18.64 2.03 -15.06
C VAL B 46 19.52 1.44 -16.15
N LEU B 47 20.74 1.00 -15.80
CA LEU B 47 21.63 0.40 -16.79
C LEU B 47 21.01 -0.86 -17.38
N LYS B 48 20.32 -1.65 -16.54
CA LYS B 48 19.65 -2.84 -17.04
C LYS B 48 18.52 -2.48 -17.99
N LYS B 49 17.69 -1.49 -17.63
CA LYS B 49 16.67 -0.99 -18.55
C LYS B 49 17.28 -0.60 -19.89
N GLN B 50 18.43 0.05 -19.85
CA GLN B 50 19.10 0.47 -21.08
C GLN B 50 19.81 -0.67 -21.79
N GLN B 51 19.79 -1.88 -21.23
CA GLN B 51 20.45 -3.06 -21.77
C GLN B 51 21.97 -2.89 -21.84
N ALA B 52 22.52 -1.99 -21.02
CA ALA B 52 23.97 -1.82 -20.92
C ALA B 52 24.63 -2.91 -20.10
N ILE B 53 23.89 -3.57 -19.21
CA ILE B 53 24.39 -4.66 -18.40
C ILE B 53 23.38 -5.79 -18.42
N GLU B 54 23.85 -6.98 -18.06
CA GLU B 54 23.00 -8.03 -17.52
C GLU B 54 23.22 -8.09 -16.02
N LEU B 55 22.21 -8.59 -15.31
CA LEU B 55 22.21 -8.67 -13.86
C LEU B 55 21.98 -10.11 -13.44
N THR B 56 22.70 -10.55 -12.42
CA THR B 56 22.33 -11.80 -11.75
C THR B 56 22.31 -11.55 -10.25
N GLN B 57 21.31 -12.12 -9.59
CA GLN B 57 21.27 -12.15 -8.13
C GLN B 57 20.86 -13.56 -7.74
N GLU B 58 21.78 -14.26 -7.08
CA GLU B 58 21.63 -15.70 -6.81
C GLU B 58 20.36 -15.98 -6.01
N GLU B 59 20.13 -15.19 -4.97
CA GLU B 59 18.94 -15.30 -4.14
C GLU B 59 18.66 -13.93 -3.57
N PRO B 60 17.45 -13.70 -3.04
CA PRO B 60 17.17 -12.40 -2.43
C PRO B 60 18.26 -12.00 -1.44
N TYR B 61 18.70 -10.75 -1.54
CA TYR B 61 19.70 -10.10 -0.69
C TYR B 61 21.10 -10.67 -0.87
N SER B 62 21.34 -11.51 -1.88
CA SER B 62 22.71 -11.83 -2.21
C SER B 62 23.35 -10.68 -3.02
N ASP B 63 24.65 -10.79 -3.27
CA ASP B 63 25.33 -9.84 -4.14
C ASP B 63 24.60 -9.77 -5.48
N ILE B 64 24.71 -8.62 -6.13
CA ILE B 64 24.13 -8.39 -7.45
C ILE B 64 25.29 -8.15 -8.39
N ILE B 65 25.39 -8.97 -9.45
CA ILE B 65 26.57 -8.98 -10.31
C ILE B 65 26.16 -8.46 -11.68
N ALA B 66 26.86 -7.43 -12.15
CA ALA B 66 26.66 -6.92 -13.50
C ALA B 66 27.73 -7.46 -14.45
N THR B 67 27.30 -7.82 -15.66
CA THR B 67 28.16 -8.20 -16.77
C THR B 67 27.71 -7.39 -17.98
N PRO B 68 28.54 -7.30 -19.03
CA PRO B 68 28.18 -6.42 -20.16
C PRO B 68 26.87 -6.83 -20.83
N GLY B 69 26.08 -5.84 -21.20
CA GLY B 69 24.80 -6.07 -21.83
C GLY B 69 24.92 -6.01 -23.36
N PRO B 70 23.81 -6.21 -24.06
CA PRO B 70 23.85 -6.24 -25.54
C PRO B 70 23.88 -4.87 -26.19
N ARG B 71 23.74 -3.78 -25.44
CA ARG B 71 23.90 -2.44 -25.99
C ARG B 71 25.15 -1.81 -25.41
N PHE B 72 25.89 -1.13 -26.27
CA PHE B 72 26.99 -0.30 -25.81
C PHE B 72 26.49 0.80 -24.90
N HIS B 73 27.37 1.26 -24.02
CA HIS B 73 27.04 2.34 -23.11
C HIS B 73 28.30 3.14 -22.85
N GLY B 74 28.18 4.46 -22.87
CA GLY B 74 29.32 5.30 -22.58
C GLY B 74 29.50 5.56 -21.10
N SER B 75 30.67 6.12 -20.76
CA SER B 75 30.93 6.62 -19.41
C SER B 75 30.83 5.52 -18.35
N LEU B 76 31.19 4.28 -18.71
CA LEU B 76 31.09 3.21 -17.73
C LEU B 76 32.20 3.28 -16.68
N GLU B 77 33.28 4.00 -16.96
CA GLU B 77 34.32 4.20 -15.94
C GLU B 77 33.78 4.99 -14.76
N VAL B 78 32.96 6.01 -15.02
CA VAL B 78 32.41 6.77 -13.90
C VAL B 78 31.24 6.03 -13.26
N LEU B 79 30.52 5.22 -14.03
CA LEU B 79 29.42 4.43 -13.44
C LEU B 79 29.93 3.32 -12.54
N PHE B 80 31.16 2.84 -12.77
CA PHE B 80 31.73 1.78 -11.95
C PHE B 80 33.01 2.26 -11.26
MG MG C . 3.38 3.40 -13.00
PB ADP D . 5.92 1.56 -13.81
O1B ADP D . 6.23 2.87 -14.50
O2B ADP D . 7.15 1.09 -13.03
O3B ADP D . 4.82 1.75 -12.81
PA ADP D . 4.04 -0.52 -14.92
O1A ADP D . 3.89 -1.28 -13.62
O2A ADP D . 2.77 0.28 -15.11
O3A ADP D . 5.43 0.44 -14.93
O5' ADP D . 4.18 -1.61 -16.15
C5' ADP D . 3.68 -1.28 -17.40
C4' ADP D . 4.22 -2.20 -18.32
O4' ADP D . 3.78 -3.62 -18.02
C3' ADP D . 3.64 -1.89 -19.75
O3' ADP D . 4.72 -2.20 -20.77
C2' ADP D . 2.68 -2.67 -19.84
O2' ADP D . 2.30 -2.89 -21.26
C1' ADP D . 3.22 -4.04 -19.11
N9 ADP D . 2.13 -4.98 -18.88
C8 ADP D . 0.99 -4.73 -18.25
N7 ADP D . 0.22 -5.81 -18.25
C5 ADP D . 0.87 -6.80 -18.90
C6 ADP D . 0.59 -8.15 -19.23
N6 ADP D . -0.67 -8.77 -18.83
N1 ADP D . 1.48 -8.86 -19.92
C2 ADP D . 2.65 -8.32 -20.27
N3 ADP D . 2.95 -7.06 -19.98
C4 ADP D . 2.08 -6.26 -19.30
#